data_5DG2
#
_entry.id   5DG2
#
_cell.length_a   38.060
_cell.length_b   66.080
_cell.length_c   106.380
_cell.angle_alpha   90.000
_cell.angle_beta   90.000
_cell.angle_gamma   90.000
#
_symmetry.space_group_name_H-M   'P 2 21 21'
#
loop_
_entity.id
_entity.type
_entity.pdbx_description
1 polymer Galectin-2
2 branched beta-D-galactopyranose-(1-4)-alpha-D-glucopyranose
3 water water
#
_entity_poly.entity_id   1
_entity_poly.type   'polypeptide(L)'
_entity_poly.pdbx_seq_one_letter_code
;GSHMTGELEVKNMDMKPGSTLKITGSIADGTDGFVINLGQGTDKLNLHFNPRFSESTIVCNSLDGSNWGQEQREDHLCFS
PGSEVKFTVTFESDKFKVKLPDGHELTFPNRLGHSHLSYLSVRGGFNMSSFKLKE
;
_entity_poly.pdbx_strand_id   A,B
#
# COMPACT_ATOMS: atom_id res chain seq x y z
N GLU A 7 9.99 -7.61 1.54
CA GLU A 7 8.55 -7.77 1.65
C GLU A 7 7.83 -6.59 1.02
N LEU A 8 6.62 -6.29 1.47
CA LEU A 8 5.85 -5.22 0.86
C LEU A 8 6.58 -3.88 0.78
N GLU A 9 6.65 -3.33 -0.43
CA GLU A 9 7.15 -1.96 -0.67
C GLU A 9 6.04 -1.10 -1.27
N VAL A 10 5.90 0.11 -0.77
CA VAL A 10 5.01 1.08 -1.39
C VAL A 10 5.83 2.28 -1.84
N LYS A 11 5.68 2.70 -3.09
CA LYS A 11 6.43 3.83 -3.60
C LYS A 11 5.53 4.92 -4.17
N ASN A 12 6.09 6.13 -4.28
CA ASN A 12 5.37 7.29 -4.80
C ASN A 12 4.20 7.72 -3.92
N MET A 13 4.30 7.44 -2.62
CA MET A 13 3.39 8.04 -1.66
C MET A 13 3.60 9.54 -1.59
N ASP A 14 2.65 10.23 -0.96
CA ASP A 14 2.77 11.66 -0.77
C ASP A 14 2.39 12.04 0.65
N MET A 15 3.13 11.50 1.61
CA MET A 15 2.89 11.77 3.01
C MET A 15 3.53 13.09 3.43
N LYS A 16 2.71 14.07 3.78
CA LYS A 16 3.20 15.39 4.17
C LYS A 16 3.15 15.53 5.69
N PRO A 17 3.92 16.48 6.27
CA PRO A 17 3.80 16.70 7.71
C PRO A 17 2.36 16.92 8.14
N GLY A 18 1.98 16.34 9.27
CA GLY A 18 0.61 16.36 9.73
C GLY A 18 -0.18 15.10 9.37
N SER A 19 0.31 14.36 8.39
CA SER A 19 -0.46 13.20 7.91
C SER A 19 -0.22 11.99 8.79
N THR A 20 -1.12 11.01 8.69
CA THR A 20 -1.06 9.82 9.51
CA THR A 20 -1.04 9.82 9.50
C THR A 20 -1.10 8.58 8.62
N LEU A 21 -0.32 7.58 8.98
CA LEU A 21 -0.30 6.34 8.24
C LEU A 21 -0.65 5.20 9.19
N LYS A 22 -1.70 4.46 8.87
CA LYS A 22 -2.12 3.35 9.70
C LYS A 22 -1.81 2.05 8.98
N ILE A 23 -1.12 1.17 9.69
CA ILE A 23 -0.69 -0.09 9.13
C ILE A 23 -1.21 -1.24 9.97
N THR A 24 -1.83 -2.21 9.32
CA THR A 24 -2.33 -3.40 9.99
C THR A 24 -1.62 -4.60 9.41
N GLY A 25 -1.27 -5.57 10.25
CA GLY A 25 -0.65 -6.77 9.73
C GLY A 25 -0.48 -7.86 10.77
N SER A 26 -0.08 -9.03 10.32
CA SER A 26 0.14 -10.17 11.19
CA SER A 26 0.14 -10.16 11.20
C SER A 26 1.62 -10.40 11.38
N ILE A 27 2.04 -10.60 12.64
CA ILE A 27 3.42 -10.90 12.93
C ILE A 27 3.64 -12.41 12.78
N ALA A 28 4.66 -12.81 12.02
CA ALA A 28 4.89 -14.22 11.72
C ALA A 28 5.20 -15.00 12.99
N ASP A 29 4.61 -16.18 13.11
CA ASP A 29 4.88 -17.06 14.25
C ASP A 29 6.37 -17.29 14.41
N GLY A 30 6.87 -17.13 15.64
CA GLY A 30 8.26 -17.45 15.94
C GLY A 30 9.32 -16.47 15.47
N THR A 31 8.91 -15.39 14.81
CA THR A 31 9.88 -14.45 14.28
C THR A 31 10.60 -13.71 15.41
N ASP A 32 11.82 -13.27 15.12
CA ASP A 32 12.63 -12.54 16.09
C ASP A 32 12.30 -11.05 16.08
N GLY A 33 11.57 -10.63 15.06
CA GLY A 33 11.15 -9.25 14.95
C GLY A 33 10.81 -8.89 13.53
N PHE A 34 10.50 -7.63 13.30
CA PHE A 34 10.20 -7.15 11.95
C PHE A 34 10.52 -5.68 11.84
N VAL A 35 10.39 -5.15 10.63
CA VAL A 35 10.75 -3.76 10.35
C VAL A 35 9.68 -3.06 9.56
N ILE A 36 9.38 -1.82 9.95
CA ILE A 36 8.63 -0.91 9.11
C ILE A 36 9.56 0.26 8.78
N ASN A 37 9.84 0.46 7.49
CA ASN A 37 10.65 1.59 7.05
C ASN A 37 9.81 2.64 6.36
N LEU A 38 10.02 3.90 6.75
N LEU A 38 10.09 3.91 6.66
CA LEU A 38 9.39 5.05 6.10
CA LEU A 38 9.34 5.01 6.08
C LEU A 38 10.46 6.03 5.65
C LEU A 38 10.29 6.16 5.72
N GLY A 39 10.30 6.57 4.45
CA GLY A 39 11.27 7.56 3.99
C GLY A 39 11.10 7.94 2.54
N GLN A 40 12.22 8.01 1.80
CA GLN A 40 12.17 8.40 0.40
C GLN A 40 12.75 7.32 -0.53
N GLY A 41 13.39 6.32 0.06
CA GLY A 41 13.98 5.25 -0.75
C GLY A 41 14.74 4.27 0.11
N THR A 42 15.26 3.23 -0.52
CA THR A 42 15.93 2.16 0.20
C THR A 42 17.14 2.65 0.99
N ASP A 43 17.70 3.79 0.59
CA ASP A 43 18.84 4.37 1.29
C ASP A 43 18.57 5.76 1.87
N LYS A 44 17.29 6.10 2.04
CA LYS A 44 16.95 7.33 2.74
C LYS A 44 15.74 7.05 3.60
N LEU A 45 16.00 6.61 4.82
CA LEU A 45 14.96 6.17 5.73
C LEU A 45 14.82 7.14 6.88
N ASN A 46 13.76 7.94 6.85
CA ASN A 46 13.49 8.86 7.95
C ASN A 46 13.20 8.11 9.23
N LEU A 47 12.47 7.00 9.09
CA LEU A 47 12.09 6.15 10.22
C LEU A 47 12.29 4.69 9.89
N HIS A 48 13.16 4.04 10.66
CA HIS A 48 13.35 2.59 10.61
C HIS A 48 12.86 2.08 11.96
N PHE A 49 11.76 1.34 11.95
CA PHE A 49 11.04 0.97 13.17
C PHE A 49 11.16 -0.54 13.32
N ASN A 50 11.80 -1.01 14.39
CA ASN A 50 12.19 -2.42 14.45
C ASN A 50 11.93 -3.07 15.81
N PRO A 51 10.71 -3.56 16.03
CA PRO A 51 10.45 -4.40 17.20
C PRO A 51 11.32 -5.67 17.16
N ARG A 52 12.03 -5.91 18.26
CA ARG A 52 12.88 -7.07 18.39
C ARG A 52 12.45 -7.90 19.60
N PHE A 53 11.77 -8.99 19.36
CA PHE A 53 11.21 -9.79 20.43
C PHE A 53 12.31 -10.40 21.32
N SER A 54 13.43 -10.77 20.71
CA SER A 54 14.57 -11.30 21.46
C SER A 54 15.07 -10.34 22.52
N GLU A 55 15.22 -9.07 22.13
CA GLU A 55 15.77 -8.06 23.01
C GLU A 55 14.69 -7.33 23.81
N SER A 56 13.42 -7.71 23.61
CA SER A 56 12.30 -7.10 24.33
C SER A 56 12.33 -5.58 24.18
N THR A 57 12.55 -5.13 23.00
CA THR A 57 12.70 -3.70 22.80
C THR A 57 12.32 -3.33 21.39
N ILE A 58 11.98 -2.08 21.13
CA ILE A 58 11.74 -1.58 19.79
C ILE A 58 12.88 -0.64 19.47
N VAL A 59 13.60 -0.92 18.40
CA VAL A 59 14.75 -0.12 18.02
C VAL A 59 14.36 0.77 16.83
N CYS A 60 14.63 2.07 16.95
CA CYS A 60 14.35 3.00 15.85
C CYS A 60 15.63 3.70 15.44
N ASN A 61 15.75 3.99 14.15
CA ASN A 61 16.91 4.73 13.67
C ASN A 61 16.60 5.36 12.33
N SER A 62 17.56 6.12 11.83
CA SER A 62 17.47 6.74 10.51
C SER A 62 18.63 6.26 9.66
N LEU A 63 18.42 6.26 8.34
CA LEU A 63 19.47 5.84 7.41
C LEU A 63 19.61 6.90 6.31
N ASP A 64 20.83 7.38 6.14
CA ASP A 64 21.12 8.39 5.13
C ASP A 64 22.25 7.89 4.24
N GLY A 65 21.90 7.34 3.08
CA GLY A 65 22.88 6.70 2.23
C GLY A 65 23.34 5.40 2.89
N SER A 66 24.61 5.30 3.22
CA SER A 66 25.10 4.07 3.85
C SER A 66 25.28 4.28 5.35
N ASN A 67 24.93 5.47 5.82
CA ASN A 67 25.21 5.82 7.20
C ASN A 67 23.98 5.87 8.07
N TRP A 68 23.97 4.99 9.07
CA TRP A 68 22.90 4.94 10.06
C TRP A 68 23.16 6.01 11.11
N GLY A 69 22.09 6.57 11.64
CA GLY A 69 22.20 7.50 12.75
C GLY A 69 22.36 6.77 14.07
N GLN A 70 22.12 7.50 15.15
CA GLN A 70 22.17 6.89 16.48
C GLN A 70 20.81 6.28 16.86
N GLU A 71 20.80 4.97 17.11
CA GLU A 71 19.58 4.25 17.49
C GLU A 71 18.94 4.81 18.73
N GLN A 72 17.62 4.67 18.79
CA GLN A 72 16.87 4.89 20.00
C GLN A 72 16.13 3.61 20.32
N ARG A 73 16.07 3.27 21.60
CA ARG A 73 15.42 2.05 22.02
C ARG A 73 14.26 2.34 22.95
N GLU A 74 13.14 1.68 22.68
CA GLU A 74 11.97 1.75 23.52
C GLU A 74 11.71 0.39 24.14
N ASP A 75 11.81 0.28 25.46
CA ASP A 75 11.60 -1.02 26.08
C ASP A 75 10.11 -1.38 26.21
N HIS A 76 9.22 -0.49 25.80
CA HIS A 76 7.79 -0.79 25.86
C HIS A 76 7.31 -1.64 24.66
N LEU A 77 7.81 -2.88 24.59
CA LEU A 77 7.36 -3.85 23.57
C LEU A 77 6.37 -4.84 24.18
N CYS A 78 5.08 -4.65 23.91
CA CYS A 78 4.05 -5.53 24.47
C CYS A 78 3.05 -5.97 23.38
N PHE A 79 3.55 -6.74 22.43
CA PHE A 79 2.72 -7.44 21.45
C PHE A 79 3.53 -8.63 20.97
N SER A 80 2.89 -9.58 20.27
CA SER A 80 3.50 -10.89 20.05
C SER A 80 3.29 -11.48 18.65
N PRO A 81 4.22 -12.33 18.21
CA PRO A 81 4.06 -13.13 16.99
C PRO A 81 2.76 -13.90 17.05
N GLY A 82 2.08 -14.06 15.91
CA GLY A 82 0.79 -14.69 15.87
C GLY A 82 -0.38 -13.72 15.90
N SER A 83 -0.11 -12.47 16.30
CA SER A 83 -1.16 -11.47 16.42
C SER A 83 -1.31 -10.59 15.16
N GLU A 84 -2.53 -10.18 14.89
CA GLU A 84 -2.77 -9.09 13.94
C GLU A 84 -2.73 -7.79 14.73
N VAL A 85 -1.82 -6.90 14.37
CA VAL A 85 -1.62 -5.67 15.13
C VAL A 85 -1.72 -4.45 14.24
N LYS A 86 -2.02 -3.31 14.87
CA LYS A 86 -2.12 -2.04 14.16
C LYS A 86 -1.13 -1.03 14.71
N PHE A 87 -0.46 -0.35 13.80
CA PHE A 87 0.42 0.78 14.15
C PHE A 87 -0.08 2.03 13.49
N THR A 88 -0.04 3.15 14.21
CA THR A 88 -0.41 4.44 13.63
C THR A 88 0.81 5.35 13.71
N VAL A 89 1.30 5.76 12.55
CA VAL A 89 2.45 6.63 12.47
C VAL A 89 2.05 8.04 12.09
N THR A 90 2.39 9.01 12.93
CA THR A 90 2.14 10.41 12.57
C THR A 90 3.47 11.05 12.19
N PHE A 91 3.51 11.62 10.98
CA PHE A 91 4.68 12.34 10.49
C PHE A 91 4.54 13.82 10.80
N GLU A 92 5.39 14.33 11.70
CA GLU A 92 5.45 15.76 11.90
C GLU A 92 6.82 16.23 11.44
N SER A 93 6.96 17.54 11.25
CA SER A 93 8.21 18.05 10.71
C SER A 93 9.40 17.72 11.60
N ASP A 94 9.19 17.67 12.90
CA ASP A 94 10.30 17.46 13.82
C ASP A 94 10.42 16.03 14.36
N LYS A 95 9.41 15.21 14.14
CA LYS A 95 9.40 13.90 14.76
C LYS A 95 8.31 13.02 14.20
N PHE A 96 8.49 11.73 14.43
CA PHE A 96 7.47 10.74 14.18
C PHE A 96 6.88 10.34 15.52
N LYS A 97 5.57 10.16 15.52
CA LYS A 97 4.89 9.55 16.65
C LYS A 97 4.37 8.20 16.19
N VAL A 98 4.63 7.17 16.97
CA VAL A 98 4.11 5.85 16.63
C VAL A 98 3.21 5.35 17.75
N LYS A 99 1.93 5.12 17.44
CA LYS A 99 1.01 4.56 18.43
C LYS A 99 1.07 3.05 18.31
N LEU A 100 1.41 2.39 19.42
CA LEU A 100 1.53 0.95 19.46
C LEU A 100 0.19 0.29 19.83
N PRO A 101 0.05 -1.01 19.54
CA PRO A 101 -1.25 -1.65 19.81
C PRO A 101 -1.63 -1.73 21.30
N ASP A 102 -0.70 -1.50 22.21
CA ASP A 102 -1.02 -1.52 23.64
C ASP A 102 -1.42 -0.16 24.19
N GLY A 103 -1.49 0.83 23.32
CA GLY A 103 -1.80 2.19 23.73
C GLY A 103 -0.60 3.10 23.88
N HIS A 104 0.56 2.53 24.18
CA HIS A 104 1.79 3.31 24.34
C HIS A 104 2.12 4.07 23.06
N GLU A 105 2.71 5.26 23.21
CA GLU A 105 3.14 6.05 22.06
C GLU A 105 4.62 6.39 22.16
N LEU A 106 5.40 6.00 21.15
CA LEU A 106 6.79 6.41 21.12
C LEU A 106 7.02 7.50 20.10
N THR A 107 8.16 8.19 20.23
CA THR A 107 8.54 9.22 19.28
C THR A 107 9.97 9.03 18.80
N PHE A 108 10.23 9.49 17.58
CA PHE A 108 11.56 9.40 17.00
C PHE A 108 11.80 10.66 16.21
N PRO A 109 12.98 11.28 16.38
CA PRO A 109 13.21 12.55 15.70
C PRO A 109 13.26 12.40 14.18
N ASN A 110 12.73 13.38 13.47
CA ASN A 110 12.89 13.38 12.03
C ASN A 110 14.18 14.10 11.69
N ARG A 111 15.16 13.34 11.24
CA ARG A 111 16.49 13.87 10.99
C ARG A 111 16.72 14.25 9.53
N LEU A 112 15.82 13.86 8.64
CA LEU A 112 16.03 14.04 7.20
C LEU A 112 15.16 15.13 6.56
N GLY A 113 14.67 16.05 7.38
CA GLY A 113 14.12 17.32 6.90
C GLY A 113 12.98 17.44 5.91
N HIS A 114 11.82 16.85 6.19
CA HIS A 114 10.53 17.52 5.95
C HIS A 114 9.97 17.40 4.52
N SER A 115 10.76 16.92 3.59
CA SER A 115 10.22 16.64 2.29
C SER A 115 9.18 15.55 2.53
N HIS A 116 8.19 15.44 1.66
CA HIS A 116 7.16 14.44 1.85
C HIS A 116 7.80 13.06 1.82
N LEU A 117 7.25 12.12 2.58
CA LEU A 117 7.67 10.73 2.48
C LEU A 117 6.98 10.00 1.36
N SER A 118 7.77 9.27 0.58
CA SER A 118 7.21 8.62 -0.60
C SER A 118 7.33 7.12 -0.54
N TYR A 119 8.08 6.61 0.42
CA TYR A 119 8.48 5.22 0.42
C TYR A 119 8.13 4.54 1.74
N LEU A 120 7.49 3.38 1.63
CA LEU A 120 7.23 2.53 2.79
C LEU A 120 7.66 1.10 2.47
N SER A 121 8.33 0.47 3.42
N SER A 121 8.33 0.45 3.40
CA SER A 121 8.68 -0.92 3.25
CA SER A 121 8.70 -0.95 3.19
C SER A 121 8.41 -1.66 4.54
C SER A 121 8.68 -1.75 4.49
N VAL A 122 8.11 -2.94 4.39
CA VAL A 122 7.98 -3.84 5.53
C VAL A 122 8.92 -5.02 5.30
N ARG A 123 9.66 -5.41 6.33
CA ARG A 123 10.62 -6.49 6.18
C ARG A 123 10.59 -7.39 7.41
N GLY A 124 11.09 -8.61 7.28
CA GLY A 124 11.12 -9.51 8.42
C GLY A 124 9.76 -10.14 8.64
N GLY A 125 9.44 -10.48 9.89
CA GLY A 125 8.26 -11.27 10.16
C GLY A 125 6.93 -10.54 10.25
N PHE A 126 6.55 -9.79 9.21
CA PHE A 126 5.33 -8.98 9.25
C PHE A 126 4.63 -9.07 7.91
N ASN A 127 3.37 -9.47 7.93
CA ASN A 127 2.58 -9.60 6.72
C ASN A 127 1.54 -8.50 6.73
N MET A 128 1.82 -7.42 6.00
CA MET A 128 0.93 -6.26 6.02
C MET A 128 -0.35 -6.53 5.25
N SER A 129 -1.48 -6.34 5.91
CA SER A 129 -2.77 -6.57 5.29
C SER A 129 -3.52 -5.30 4.94
N SER A 130 -3.15 -4.18 5.57
CA SER A 130 -3.89 -2.95 5.35
C SER A 130 -3.01 -1.73 5.53
N PHE A 131 -3.30 -0.71 4.71
CA PHE A 131 -2.52 0.52 4.62
C PHE A 131 -3.56 1.64 4.53
N LYS A 132 -3.46 2.67 5.36
CA LYS A 132 -4.37 3.81 5.26
C LYS A 132 -3.66 5.13 5.51
N LEU A 133 -3.71 6.03 4.55
CA LEU A 133 -3.07 7.32 4.66
C LEU A 133 -4.10 8.43 4.83
N LYS A 134 -3.91 9.31 5.81
CA LYS A 134 -4.83 10.43 6.02
C LYS A 134 -4.05 11.72 6.09
N MET B 4 4.21 11.75 -11.21
CA MET B 4 4.45 10.41 -10.68
C MET B 4 4.18 10.36 -9.18
N THR B 5 4.28 11.52 -8.52
CA THR B 5 3.92 11.62 -7.11
C THR B 5 2.44 11.30 -6.91
N GLY B 6 2.13 10.34 -6.05
CA GLY B 6 0.76 9.94 -5.81
C GLY B 6 0.32 8.74 -6.63
N GLU B 7 1.04 8.48 -7.73
CA GLU B 7 0.81 7.29 -8.52
C GLU B 7 1.47 6.12 -7.81
N LEU B 8 0.82 5.68 -6.73
CA LEU B 8 1.33 4.60 -5.88
C LEU B 8 1.71 3.35 -6.64
N GLU B 9 2.80 2.73 -6.23
CA GLU B 9 3.11 1.38 -6.65
C GLU B 9 3.29 0.52 -5.42
N VAL B 10 2.62 -0.61 -5.40
CA VAL B 10 2.79 -1.56 -4.30
C VAL B 10 3.45 -2.82 -4.86
N LYS B 11 4.59 -3.22 -4.30
CA LYS B 11 5.24 -4.45 -4.75
C LYS B 11 5.36 -5.48 -3.66
N ASN B 12 5.61 -6.71 -4.09
CA ASN B 12 5.79 -7.87 -3.22
C ASN B 12 4.58 -8.19 -2.40
N MET B 13 3.40 -7.88 -2.95
CA MET B 13 2.17 -8.42 -2.42
C MET B 13 2.15 -9.93 -2.62
N ASP B 14 1.25 -10.61 -1.92
CA ASP B 14 1.10 -12.05 -2.10
C ASP B 14 -0.37 -12.39 -2.17
N MET B 15 -1.05 -11.84 -3.17
CA MET B 15 -2.46 -12.04 -3.36
C MET B 15 -2.71 -13.38 -4.06
N LYS B 16 -3.33 -14.32 -3.36
CA LYS B 16 -3.59 -15.64 -3.88
C LYS B 16 -5.02 -15.74 -4.40
N PRO B 17 -5.31 -16.71 -5.28
CA PRO B 17 -6.70 -16.89 -5.72
C PRO B 17 -7.65 -17.05 -4.54
N GLY B 18 -8.78 -16.34 -4.58
CA GLY B 18 -9.78 -16.40 -3.54
C GLY B 18 -9.75 -15.18 -2.64
N SER B 19 -8.72 -14.37 -2.80
CA SER B 19 -8.54 -13.19 -1.96
C SER B 19 -9.23 -11.96 -2.54
N THR B 20 -9.45 -10.97 -1.68
CA THR B 20 -10.04 -9.70 -2.10
C THR B 20 -9.12 -8.55 -1.75
N LEU B 21 -9.13 -7.55 -2.61
CA LEU B 21 -8.42 -6.31 -2.35
C LEU B 21 -9.42 -5.16 -2.33
N LYS B 22 -9.50 -4.46 -1.20
CA LYS B 22 -10.39 -3.31 -1.10
C LYS B 22 -9.57 -2.05 -1.21
N ILE B 23 -10.02 -1.14 -2.07
CA ILE B 23 -9.28 0.06 -2.36
C ILE B 23 -10.17 1.27 -2.16
N THR B 24 -9.67 2.28 -1.44
CA THR B 24 -10.41 3.53 -1.32
C THR B 24 -9.55 4.66 -1.86
N GLY B 25 -10.18 5.62 -2.50
CA GLY B 25 -9.43 6.78 -2.94
C GLY B 25 -10.33 7.93 -3.35
N SER B 26 -9.67 9.03 -3.70
CA SER B 26 -10.38 10.21 -4.18
C SER B 26 -10.01 10.43 -5.63
N ILE B 27 -11.02 10.68 -6.45
CA ILE B 27 -10.81 10.98 -7.85
C ILE B 27 -10.65 12.51 -8.03
N ALA B 28 -9.58 12.94 -8.69
CA ALA B 28 -9.31 14.37 -8.79
C ALA B 28 -10.39 15.10 -9.60
N ASP B 29 -10.75 16.31 -9.17
CA ASP B 29 -11.70 17.11 -9.95
C ASP B 29 -11.12 17.36 -11.34
N GLY B 30 -11.97 17.23 -12.36
CA GLY B 30 -11.57 17.48 -13.73
C GLY B 30 -10.70 16.42 -14.39
N THR B 31 -10.52 15.27 -13.73
CA THR B 31 -9.71 14.24 -14.34
C THR B 31 -10.49 13.50 -15.40
N ASP B 32 -9.81 13.10 -16.47
CA ASP B 32 -10.53 12.43 -17.54
C ASP B 32 -10.46 10.91 -17.39
N GLY B 33 -9.70 10.44 -16.40
CA GLY B 33 -9.65 9.00 -16.15
C GLY B 33 -8.54 8.62 -15.20
N PHE B 34 -8.56 7.37 -14.76
CA PHE B 34 -7.47 6.84 -13.93
C PHE B 34 -7.32 5.35 -14.16
N VAL B 35 -6.28 4.79 -13.59
CA VAL B 35 -5.93 3.38 -13.78
C VAL B 35 -5.61 2.70 -12.45
N ILE B 36 -6.15 1.49 -12.27
CA ILE B 36 -5.69 0.61 -11.21
C ILE B 36 -5.14 -0.61 -11.93
N ASN B 37 -3.87 -0.92 -11.70
CA ASN B 37 -3.24 -2.10 -12.27
C ASN B 37 -3.01 -3.13 -11.21
N LEU B 38 -3.29 -4.39 -11.53
CA LEU B 38 -3.05 -5.46 -10.58
C LEU B 38 -2.48 -6.64 -11.34
N GLY B 39 -1.32 -7.13 -10.91
CA GLY B 39 -0.72 -8.22 -11.64
C GLY B 39 0.46 -8.86 -10.96
N GLN B 40 1.24 -9.61 -11.75
CA GLN B 40 2.40 -10.32 -11.23
C GLN B 40 3.59 -9.38 -11.23
N GLY B 41 3.50 -8.33 -12.03
CA GLY B 41 4.60 -7.40 -12.22
C GLY B 41 4.26 -6.32 -13.22
N THR B 42 5.18 -5.39 -13.46
CA THR B 42 4.89 -4.22 -14.30
C THR B 42 4.58 -4.56 -15.76
N ASP B 43 5.08 -5.70 -16.25
CA ASP B 43 4.83 -6.11 -17.63
C ASP B 43 3.95 -7.36 -17.69
N LYS B 44 3.35 -7.70 -16.55
CA LYS B 44 2.40 -8.82 -16.46
C LYS B 44 1.20 -8.34 -15.66
N LEU B 45 0.29 -7.65 -16.33
CA LEU B 45 -0.89 -7.11 -15.67
C LEU B 45 -2.08 -7.98 -15.94
N ASN B 46 -2.49 -8.77 -14.94
CA ASN B 46 -3.72 -9.57 -15.07
C ASN B 46 -4.92 -8.66 -15.24
N LEU B 47 -4.92 -7.54 -14.50
CA LEU B 47 -6.05 -6.63 -14.54
C LEU B 47 -5.59 -5.21 -14.68
N HIS B 48 -5.94 -4.62 -15.82
CA HIS B 48 -5.78 -3.20 -16.04
C HIS B 48 -7.19 -2.63 -16.01
N PHE B 49 -7.48 -1.86 -14.97
CA PHE B 49 -8.82 -1.36 -14.71
C PHE B 49 -8.79 0.17 -14.89
N ASN B 50 -9.43 0.64 -15.96
CA ASN B 50 -9.22 2.01 -16.41
C ASN B 50 -10.54 2.74 -16.68
N PRO B 51 -11.14 3.30 -15.63
CA PRO B 51 -12.31 4.16 -15.86
C PRO B 51 -11.89 5.40 -16.62
N ARG B 52 -12.57 5.63 -17.73
CA ARG B 52 -12.26 6.74 -18.61
C ARG B 52 -13.46 7.67 -18.64
N PHE B 53 -13.48 8.63 -17.74
CA PHE B 53 -14.58 9.58 -17.66
C PHE B 53 -14.75 10.30 -18.99
N SER B 54 -13.63 10.66 -19.60
CA SER B 54 -13.62 11.31 -20.91
C SER B 54 -14.36 10.52 -21.99
N GLU B 55 -14.34 9.19 -21.90
CA GLU B 55 -15.00 8.33 -22.89
C GLU B 55 -16.25 7.66 -22.33
N SER B 56 -16.65 8.06 -21.14
CA SER B 56 -17.84 7.54 -20.47
C SER B 56 -17.88 6.00 -20.47
N THR B 57 -16.75 5.38 -20.16
CA THR B 57 -16.67 3.92 -20.17
C THR B 57 -15.56 3.48 -19.25
N ILE B 58 -15.62 2.23 -18.83
CA ILE B 58 -14.52 1.59 -18.12
C ILE B 58 -13.85 0.59 -19.05
N VAL B 59 -12.56 0.77 -19.25
CA VAL B 59 -11.80 -0.15 -20.09
C VAL B 59 -11.03 -1.13 -19.21
N CYS B 60 -11.27 -2.42 -19.41
CA CYS B 60 -10.47 -3.46 -18.76
C CYS B 60 -9.62 -4.18 -19.78
N ASN B 61 -8.40 -4.50 -19.39
CA ASN B 61 -7.53 -5.25 -20.30
C ASN B 61 -6.46 -5.98 -19.50
N SER B 62 -5.68 -6.77 -20.21
CA SER B 62 -4.50 -7.41 -19.66
C SER B 62 -3.28 -6.87 -20.41
N LEU B 63 -2.12 -6.93 -19.77
CA LEU B 63 -0.87 -6.60 -20.45
C LEU B 63 0.12 -7.73 -20.30
N ASP B 64 0.57 -8.27 -21.42
CA ASP B 64 1.50 -9.38 -21.43
C ASP B 64 2.78 -8.94 -22.12
N GLY B 65 3.78 -8.56 -21.34
CA GLY B 65 4.99 -8.02 -21.93
C GLY B 65 4.70 -6.66 -22.53
N SER B 66 4.90 -6.54 -23.84
CA SER B 66 4.63 -5.29 -24.55
C SER B 66 3.27 -5.30 -25.22
N ASN B 67 2.53 -6.39 -25.09
CA ASN B 67 1.29 -6.56 -25.83
C ASN B 67 0.02 -6.48 -24.99
N TRP B 68 -0.76 -5.43 -25.20
CA TRP B 68 -2.11 -5.33 -24.65
C TRP B 68 -2.99 -6.43 -25.22
N GLY B 69 -3.90 -6.94 -24.39
CA GLY B 69 -4.84 -7.95 -24.85
C GLY B 69 -6.03 -7.29 -25.52
N GLN B 70 -7.13 -8.03 -25.65
CA GLN B 70 -8.36 -7.46 -26.18
C GLN B 70 -9.11 -6.71 -25.11
N GLU B 71 -9.40 -5.44 -25.35
CA GLU B 71 -10.15 -4.64 -24.39
C GLU B 71 -11.55 -5.20 -24.12
N GLN B 72 -11.98 -5.03 -22.88
CA GLN B 72 -13.35 -5.30 -22.49
C GLN B 72 -13.91 -4.00 -21.93
N ARG B 73 -14.90 -3.42 -22.60
CA ARG B 73 -15.42 -2.11 -22.20
C ARG B 73 -16.77 -2.25 -21.54
N GLU B 74 -16.93 -1.55 -20.43
CA GLU B 74 -18.18 -1.57 -19.68
C GLU B 74 -18.72 -0.16 -19.66
N ASP B 75 -19.91 0.03 -20.19
CA ASP B 75 -20.47 1.38 -20.33
C ASP B 75 -21.11 1.88 -19.03
N HIS B 76 -21.04 1.07 -17.98
CA HIS B 76 -21.65 1.45 -16.71
C HIS B 76 -20.70 2.32 -15.87
N LEU B 77 -20.26 3.45 -16.43
CA LEU B 77 -19.44 4.37 -15.66
C LEU B 77 -20.34 5.41 -15.00
N CYS B 78 -20.68 5.13 -13.75
CA CYS B 78 -21.62 5.95 -13.00
C CYS B 78 -21.01 6.57 -11.75
N PHE B 79 -19.68 6.70 -11.72
CA PHE B 79 -19.04 7.57 -10.74
C PHE B 79 -18.25 8.64 -11.50
N SER B 80 -17.80 9.69 -10.81
CA SER B 80 -17.38 10.92 -11.47
C SER B 80 -16.07 11.55 -10.95
N PRO B 81 -15.46 12.45 -11.76
CA PRO B 81 -14.36 13.26 -11.21
C PRO B 81 -14.81 13.93 -9.91
N GLY B 82 -13.92 14.00 -8.93
CA GLY B 82 -14.33 14.53 -7.64
C GLY B 82 -14.86 13.50 -6.66
N SER B 83 -15.36 12.37 -7.17
CA SER B 83 -15.97 11.36 -6.30
C SER B 83 -14.96 10.76 -5.33
N GLU B 84 -15.41 10.46 -4.11
CA GLU B 84 -14.70 9.46 -3.32
C GLU B 84 -15.26 8.12 -3.82
N VAL B 85 -14.39 7.12 -3.94
CA VAL B 85 -14.84 5.84 -4.44
C VAL B 85 -14.18 4.73 -3.68
N LYS B 86 -14.92 3.64 -3.56
CA LYS B 86 -14.40 2.40 -3.01
C LYS B 86 -14.61 1.32 -4.06
N PHE B 87 -13.61 0.47 -4.24
CA PHE B 87 -13.70 -0.70 -5.11
C PHE B 87 -13.31 -1.95 -4.36
N THR B 88 -13.93 -3.07 -4.67
CA THR B 88 -13.47 -4.34 -4.14
C THR B 88 -13.09 -5.22 -5.32
N VAL B 89 -11.84 -5.66 -5.36
CA VAL B 89 -11.40 -6.56 -6.42
C VAL B 89 -11.27 -7.95 -5.84
N THR B 90 -11.95 -8.92 -6.46
CA THR B 90 -11.81 -10.31 -6.05
C THR B 90 -11.02 -11.05 -7.12
N PHE B 91 -9.95 -11.72 -6.68
CA PHE B 91 -9.09 -12.50 -7.57
C PHE B 91 -9.46 -13.97 -7.43
N GLU B 92 -10.03 -14.54 -8.49
CA GLU B 92 -10.25 -15.98 -8.53
C GLU B 92 -9.39 -16.54 -9.66
N SER B 93 -9.16 -17.85 -9.64
CA SER B 93 -8.26 -18.44 -10.63
C SER B 93 -8.69 -18.12 -12.06
N ASP B 94 -10.00 -18.10 -12.30
CA ASP B 94 -10.51 -17.94 -13.64
C ASP B 94 -10.89 -16.50 -14.02
N LYS B 95 -11.08 -15.65 -13.01
CA LYS B 95 -11.60 -14.32 -13.30
C LYS B 95 -11.40 -13.35 -12.16
N PHE B 96 -11.54 -12.08 -12.50
CA PHE B 96 -11.61 -10.98 -11.54
C PHE B 96 -13.03 -10.49 -11.43
N LYS B 97 -13.46 -10.16 -10.20
CA LYS B 97 -14.71 -9.45 -10.03
C LYS B 97 -14.35 -8.08 -9.48
N VAL B 98 -14.90 -7.02 -10.05
CA VAL B 98 -14.69 -5.71 -9.47
C VAL B 98 -16.03 -5.15 -9.02
N LYS B 99 -16.18 -4.91 -7.73
CA LYS B 99 -17.39 -4.31 -7.21
C LYS B 99 -17.23 -2.79 -7.22
N LEU B 100 -18.11 -2.13 -7.96
CA LEU B 100 -18.09 -0.68 -8.15
C LEU B 100 -18.75 0.03 -6.97
N PRO B 101 -18.55 1.37 -6.85
CA PRO B 101 -19.12 2.12 -5.73
C PRO B 101 -20.63 1.93 -5.55
N ASP B 102 -21.38 1.70 -6.63
CA ASP B 102 -22.83 1.55 -6.49
C ASP B 102 -23.28 0.10 -6.29
N GLY B 103 -22.33 -0.79 -6.07
CA GLY B 103 -22.62 -2.19 -5.83
C GLY B 103 -22.61 -3.07 -7.07
N HIS B 104 -22.64 -2.45 -8.24
CA HIS B 104 -22.61 -3.16 -9.53
C HIS B 104 -21.28 -3.89 -9.63
N GLU B 105 -21.29 -5.10 -10.19
CA GLU B 105 -20.04 -5.85 -10.27
C GLU B 105 -19.69 -6.12 -11.72
N LEU B 106 -18.44 -5.86 -12.08
CA LEU B 106 -17.98 -6.28 -13.39
C LEU B 106 -17.10 -7.51 -13.25
N THR B 107 -17.07 -8.33 -14.28
CA THR B 107 -16.23 -9.51 -14.28
C THR B 107 -15.31 -9.44 -15.48
N PHE B 108 -14.05 -9.83 -15.28
CA PHE B 108 -13.05 -9.80 -16.34
C PHE B 108 -12.24 -11.07 -16.25
N PRO B 109 -12.12 -11.82 -17.37
CA PRO B 109 -11.39 -13.08 -17.26
C PRO B 109 -9.93 -12.89 -16.84
N ASN B 110 -9.43 -13.84 -16.05
CA ASN B 110 -8.01 -13.86 -15.74
C ASN B 110 -7.25 -14.56 -16.86
N ARG B 111 -6.43 -13.81 -17.58
CA ARG B 111 -5.80 -14.33 -18.80
C ARG B 111 -4.38 -14.86 -18.60
N LEU B 112 -3.81 -14.52 -17.44
CA LEU B 112 -2.38 -14.73 -17.20
C LEU B 112 -2.04 -15.83 -16.16
N GLY B 113 -2.93 -16.80 -15.96
CA GLY B 113 -2.64 -17.88 -15.01
C GLY B 113 -2.93 -17.53 -13.56
N HIS B 114 -2.71 -18.47 -12.64
CA HIS B 114 -3.14 -18.25 -11.27
C HIS B 114 -1.98 -18.10 -10.28
N SER B 115 -0.81 -17.71 -10.77
CA SER B 115 0.28 -17.31 -9.89
C SER B 115 -0.19 -16.15 -9.02
N HIS B 116 0.41 -16.01 -7.85
CA HIS B 116 0.02 -14.95 -6.93
C HIS B 116 0.27 -13.58 -7.53
N LEU B 117 -0.59 -12.62 -7.17
CA LEU B 117 -0.42 -11.25 -7.66
C LEU B 117 0.46 -10.50 -6.69
N SER B 118 1.50 -9.84 -7.21
CA SER B 118 2.46 -9.18 -6.33
C SER B 118 2.51 -7.68 -6.54
N TYR B 119 1.81 -7.19 -7.55
CA TYR B 119 2.02 -5.82 -7.98
C TYR B 119 0.70 -5.07 -8.13
N LEU B 120 0.66 -3.86 -7.57
CA LEU B 120 -0.49 -2.97 -7.67
C LEU B 120 0.00 -1.58 -8.01
N SER B 121 -0.58 -0.93 -9.01
CA SER B 121 -0.19 0.45 -9.21
C SER B 121 -1.37 1.30 -9.65
N VAL B 122 -1.25 2.60 -9.38
CA VAL B 122 -2.26 3.57 -9.77
C VAL B 122 -1.63 4.59 -10.71
N ARG B 123 -2.40 5.03 -11.69
CA ARG B 123 -1.96 6.08 -12.59
C ARG B 123 -3.12 7.05 -12.79
N GLY B 124 -2.79 8.30 -13.12
CA GLY B 124 -3.83 9.26 -13.46
C GLY B 124 -4.45 9.89 -12.23
N GLY B 125 -5.67 10.40 -12.38
CA GLY B 125 -6.32 11.18 -11.34
C GLY B 125 -6.99 10.39 -10.24
N PHE B 126 -6.23 9.52 -9.60
CA PHE B 126 -6.74 8.77 -8.47
C PHE B 126 -5.73 8.82 -7.33
N ASN B 127 -6.17 9.33 -6.20
CA ASN B 127 -5.35 9.33 -5.00
C ASN B 127 -5.78 8.19 -4.09
N MET B 128 -5.01 7.12 -4.05
CA MET B 128 -5.39 5.97 -3.25
C MET B 128 -5.06 6.24 -1.79
N SER B 129 -6.09 6.23 -0.95
CA SER B 129 -5.91 6.54 0.46
C SER B 129 -5.89 5.28 1.33
N SER B 130 -6.40 4.18 0.83
CA SER B 130 -6.27 2.94 1.60
C SER B 130 -6.39 1.72 0.74
N PHE B 131 -5.72 0.66 1.17
CA PHE B 131 -6.00 -0.63 0.60
C PHE B 131 -5.94 -1.70 1.66
N LYS B 132 -6.73 -2.73 1.44
CA LYS B 132 -6.91 -3.79 2.42
C LYS B 132 -6.96 -5.10 1.69
N LEU B 133 -6.05 -5.99 2.07
CA LEU B 133 -5.97 -7.32 1.46
C LEU B 133 -6.54 -8.33 2.43
N LYS B 134 -7.45 -9.16 1.94
CA LYS B 134 -8.06 -10.21 2.74
C LYS B 134 -8.03 -11.53 2.00
#